data_2CGJ
#
_entry.id   2CGJ
#
_cell.length_a   51.729
_cell.length_b   51.305
_cell.length_c   159.263
_cell.angle_alpha   90.00
_cell.angle_beta   90.00
_cell.angle_gamma   90.00
#
_symmetry.space_group_name_H-M   'P 21 21 21'
#
loop_
_entity.id
_entity.type
_entity.pdbx_description
1 polymer 'L-RHAMNULOSE KINASE'
2 non-polymer beta-L-fructofuranose
3 non-polymer "ADENOSINE-5'-DIPHOSPHATE"
4 water water
#
_entity_poly.entity_id   1
_entity_poly.type   'polypeptide(L)'
_entity_poly.pdbx_seq_one_letter_code
;MTFRNCVAVDLGASSGRVMLARYERECRSLTLREIHRFNNGLHSQNGYVTWDVDSLESAIRLGLNKVCAAGIAIDSIGID
TWGVDFVLLDQQGQRVGLPVAYRDSRTNGLMAQAQQQLGKRDIYQRSGIQFLPFNTLYQLRALTEQQPELIPHIAHALLM
PDYFSYRLTGKMNWEYTNATTTQLVNINSDDWDESLLAWSGANKAWFGRPTHPGNVIGHWICPQGNEIPVVAVASHDTAS
AVIASPLNGSRAAYLSSGTWSLMGFESQTPFTNDTALAANITNEGGAEGRYRVLKNIMGLWLLQRVLQERQINDLPALIA
ATQALPACRFIINPNDDRFINPDEMCSEIQAACREMAQPIPESDAELARCIFDSLALLYADVLHELAQLRGEDFSQLHIV
GGGCQNTLLNQLCADACGIRVIAGPVEASTLGNIGIQLMTLDELNNVDDFRQVVSTTANLTTFTPNPDSEIAHYVALIHS
TRQTKELCA
;
_entity_poly.pdbx_strand_id   A
#
loop_
_chem_comp.id
_chem_comp.type
_chem_comp.name
_chem_comp.formula
ADP non-polymer ADENOSINE-5'-DIPHOSPHATE 'C10 H15 N5 O10 P2'
LFR L-saccharide, beta linking beta-L-fructofuranose 'C6 H12 O6'
#
# COMPACT_ATOMS: atom_id res chain seq x y z
N THR A 2 0.84 25.23 21.78
CA THR A 2 1.90 24.21 22.04
C THR A 2 1.52 22.84 21.45
N PHE A 3 0.22 22.62 21.30
CA PHE A 3 -0.29 21.52 20.49
C PHE A 3 0.05 21.78 19.02
N ARG A 4 0.41 20.73 18.30
CA ARG A 4 0.75 20.86 16.87
C ARG A 4 -0.39 20.40 15.98
N ASN A 5 -0.62 21.13 14.88
CA ASN A 5 -1.64 20.77 13.91
C ASN A 5 -1.01 20.31 12.60
N CYS A 6 -1.06 19.00 12.35
CA CYS A 6 -0.44 18.39 11.18
C CYS A 6 -1.47 17.82 10.21
N VAL A 7 -1.23 18.03 8.91
CA VAL A 7 -2.13 17.57 7.86
C VAL A 7 -1.53 16.40 7.07
N ALA A 8 -2.25 15.29 7.04
CA ALA A 8 -1.91 14.17 6.17
C ALA A 8 -2.79 14.19 4.93
N VAL A 9 -2.16 14.12 3.77
CA VAL A 9 -2.85 13.83 2.52
C VAL A 9 -2.59 12.36 2.21
N ASP A 10 -3.62 11.54 2.30
CA ASP A 10 -3.50 10.10 2.06
C ASP A 10 -4.33 9.70 0.85
N LEU A 11 -3.65 9.36 -0.24
CA LEU A 11 -4.34 8.97 -1.46
C LEU A 11 -4.21 7.47 -1.71
N GLY A 12 -5.36 6.79 -1.76
CA GLY A 12 -5.40 5.36 -2.09
C GLY A 12 -5.96 5.15 -3.49
N ALA A 13 -5.98 3.89 -3.93
CA ALA A 13 -6.47 3.54 -5.25
C ALA A 13 -7.99 3.72 -5.37
N SER A 14 -8.68 3.47 -4.26
CA SER A 14 -10.15 3.50 -4.22
C SER A 14 -10.72 4.79 -3.64
N SER A 15 -9.87 5.60 -3.01
CA SER A 15 -10.30 6.84 -2.35
C SER A 15 -9.12 7.71 -1.91
N GLY A 16 -9.36 9.01 -1.79
CA GLY A 16 -8.36 9.95 -1.28
C GLY A 16 -8.90 10.74 -0.10
N ARG A 17 -8.03 11.12 0.82
CA ARG A 17 -8.45 11.88 2.00
C ARG A 17 -7.46 12.96 2.43
N VAL A 18 -8.01 14.09 2.86
CA VAL A 18 -7.22 15.13 3.51
C VAL A 18 -7.66 15.15 4.98
N MET A 19 -6.71 14.89 5.87
CA MET A 19 -7.02 14.77 7.28
C MET A 19 -6.14 15.67 8.15
N LEU A 20 -6.71 16.15 9.25
CA LEU A 20 -6.01 16.98 10.21
C LEU A 20 -5.86 16.26 11.54
N ALA A 21 -4.64 16.29 12.10
CA ALA A 21 -4.37 15.70 13.40
C ALA A 21 -3.87 16.74 14.41
N ARG A 22 -4.29 16.59 15.65
CA ARG A 22 -3.88 17.46 16.75
C ARG A 22 -3.10 16.66 17.80
N TYR A 23 -1.92 17.17 18.18
CA TYR A 23 -1.05 16.49 19.13
C TYR A 23 -0.24 17.44 20.02
N GLU A 24 -0.09 17.07 21.30
CA GLU A 24 0.94 17.66 22.17
C GLU A 24 1.57 16.64 23.12
N ARG A 25 2.88 16.74 23.30
CA ARG A 25 3.69 15.78 24.07
C ARG A 25 3.19 15.58 25.51
N GLU A 26 3.06 16.68 26.24
CA GLU A 26 2.66 16.66 27.66
C GLU A 26 1.38 15.87 27.88
N CYS A 27 0.44 15.99 26.94
CA CYS A 27 -0.86 15.32 27.04
C CYS A 27 -0.85 13.93 26.41
N ARG A 28 0.08 13.70 25.48
CA ARG A 28 0.20 12.43 24.75
C ARG A 28 -1.07 12.07 23.97
N SER A 29 -1.84 13.09 23.61
CA SER A 29 -3.12 12.90 22.92
C SER A 29 -3.00 13.15 21.43
N LEU A 30 -3.59 12.25 20.65
CA LEU A 30 -3.55 12.32 19.21
C LEU A 30 -4.97 12.17 18.65
N THR A 31 -5.50 13.25 18.10
CA THR A 31 -6.86 13.23 17.55
C THR A 31 -6.84 13.40 16.04
N LEU A 32 -7.63 12.58 15.34
CA LEU A 32 -7.78 12.71 13.89
C LEU A 32 -9.13 13.27 13.48
N ARG A 33 -9.08 14.26 12.58
CA ARG A 33 -10.26 14.87 11.99
C ARG A 33 -10.18 14.74 10.48
N GLU A 34 -11.27 14.31 9.86
CA GLU A 34 -11.33 14.26 8.40
C GLU A 34 -11.77 15.62 7.85
N ILE A 35 -10.95 16.20 6.98
CA ILE A 35 -11.22 17.52 6.40
C ILE A 35 -11.94 17.39 5.06
N HIS A 36 -11.41 16.52 4.19
CA HIS A 36 -11.95 16.34 2.86
C HIS A 36 -11.73 14.92 2.38
N ARG A 37 -12.83 14.18 2.22
CA ARG A 37 -12.81 12.84 1.67
C ARG A 37 -13.30 12.92 0.23
N PHE A 38 -12.59 12.27 -0.68
CA PHE A 38 -12.95 12.27 -2.09
C PHE A 38 -12.63 10.94 -2.78
N ASN A 39 -13.31 10.70 -3.90
CA ASN A 39 -13.17 9.44 -4.62
C ASN A 39 -11.94 9.41 -5.53
N ASN A 40 -11.32 8.23 -5.60
CA ASN A 40 -10.26 7.94 -6.56
C ASN A 40 -10.52 6.57 -7.19
N GLY A 41 -10.13 6.44 -8.45
CA GLY A 41 -10.37 5.21 -9.20
C GLY A 41 -9.71 5.21 -10.55
N LEU A 42 -9.84 4.10 -11.25
CA LEU A 42 -9.21 3.92 -12.55
C LEU A 42 -10.07 4.54 -13.64
N HIS A 43 -9.45 5.43 -14.43
CA HIS A 43 -10.10 6.04 -15.58
C HIS A 43 -9.53 5.46 -16.87
N SER A 44 -10.42 4.95 -17.72
CA SER A 44 -10.02 4.49 -19.04
C SER A 44 -9.84 5.69 -19.96
N GLN A 45 -8.58 5.98 -20.32
CA GLN A 45 -8.25 7.15 -21.12
C GLN A 45 -7.36 6.80 -22.32
N ASN A 46 -7.93 6.93 -23.51
CA ASN A 46 -7.22 6.72 -24.78
C ASN A 46 -6.52 5.36 -24.87
N GLY A 47 -7.27 4.30 -24.61
CA GLY A 47 -6.75 2.93 -24.66
C GLY A 47 -5.90 2.52 -23.47
N TYR A 48 -5.78 3.41 -22.48
CA TYR A 48 -4.99 3.15 -21.27
C TYR A 48 -5.83 3.27 -20.01
N VAL A 49 -5.36 2.62 -18.94
CA VAL A 49 -5.95 2.76 -17.62
C VAL A 49 -5.07 3.71 -16.81
N THR A 50 -5.66 4.84 -16.40
CA THR A 50 -4.88 5.94 -15.82
C THR A 50 -5.45 6.52 -14.52
N TRP A 51 -4.70 7.46 -13.94
CA TRP A 51 -5.13 8.25 -12.79
C TRP A 51 -5.39 9.69 -13.22
N ASP A 52 -6.49 10.25 -12.72
CA ASP A 52 -6.80 11.66 -12.93
C ASP A 52 -6.06 12.50 -11.89
N VAL A 53 -4.80 12.83 -12.18
CA VAL A 53 -3.93 13.53 -11.21
C VAL A 53 -4.32 14.99 -10.96
N ASP A 54 -4.92 15.62 -11.97
CA ASP A 54 -5.33 17.02 -11.87
C ASP A 54 -6.50 17.18 -10.93
N SER A 55 -7.45 16.24 -10.98
CA SER A 55 -8.61 16.24 -10.10
C SER A 55 -8.20 15.97 -8.66
N LEU A 56 -7.20 15.10 -8.48
CA LEU A 56 -6.67 14.80 -7.16
C LEU A 56 -5.97 16.00 -6.55
N GLU A 57 -5.12 16.67 -7.33
CA GLU A 57 -4.44 17.89 -6.87
C GLU A 57 -5.43 18.98 -6.48
N SER A 58 -6.44 19.20 -7.31
CA SER A 58 -7.50 20.16 -6.99
C SER A 58 -8.22 19.78 -5.70
N ALA A 59 -8.48 18.48 -5.54
CA ALA A 59 -9.10 17.94 -4.33
C ALA A 59 -8.21 18.12 -3.10
N ILE A 60 -6.90 17.94 -3.30
CA ILE A 60 -5.91 18.14 -2.24
C ILE A 60 -5.87 19.62 -1.83
N ARG A 61 -5.81 20.51 -2.82
CA ARG A 61 -5.82 21.96 -2.59
C ARG A 61 -7.07 22.41 -1.86
N LEU A 62 -8.22 21.89 -2.30
CA LEU A 62 -9.50 22.12 -1.64
C LEU A 62 -9.39 21.84 -0.13
N GLY A 63 -8.96 20.62 0.20
CA GLY A 63 -8.81 20.19 1.59
C GLY A 63 -7.90 21.10 2.40
N LEU A 64 -6.75 21.44 1.83
CA LEU A 64 -5.78 22.32 2.49
C LEU A 64 -6.32 23.75 2.67
N ASN A 65 -7.02 24.26 1.67
CA ASN A 65 -7.62 25.60 1.75
C ASN A 65 -8.76 25.68 2.77
N LYS A 66 -9.38 24.54 3.06
CA LYS A 66 -10.40 24.44 4.10
C LYS A 66 -9.78 24.63 5.49
N VAL A 67 -8.56 24.13 5.67
CA VAL A 67 -7.84 24.25 6.94
C VAL A 67 -7.31 25.66 7.16
N CYS A 68 -6.82 26.30 6.09
CA CYS A 68 -6.34 27.68 6.15
C CYS A 68 -7.46 28.66 6.45
N ALA A 69 -8.60 28.50 5.77
CA ALA A 69 -9.75 29.39 5.94
C ALA A 69 -10.43 29.19 7.30
N ALA A 70 -10.20 28.03 7.91
CA ALA A 70 -10.65 27.77 9.27
C ALA A 70 -9.87 28.60 10.29
N GLY A 71 -8.73 29.13 9.85
CA GLY A 71 -7.85 29.91 10.70
C GLY A 71 -7.10 29.03 11.67
N ILE A 72 -6.58 27.91 11.16
CA ILE A 72 -5.80 26.96 11.96
C ILE A 72 -4.32 27.11 11.65
N ALA A 73 -3.49 27.16 12.69
CA ALA A 73 -2.04 27.20 12.54
C ALA A 73 -1.51 25.81 12.19
N ILE A 74 -1.13 25.62 10.93
CA ILE A 74 -0.66 24.32 10.45
C ILE A 74 0.86 24.21 10.57
N ASP A 75 1.32 23.27 11.39
CA ASP A 75 2.74 23.09 11.66
C ASP A 75 3.48 22.30 10.59
N SER A 76 2.76 21.47 9.84
CA SER A 76 3.35 20.68 8.75
C SER A 76 2.30 20.03 7.86
N ILE A 77 2.71 19.68 6.65
CA ILE A 77 1.91 18.86 5.72
C ILE A 77 2.76 17.68 5.23
N GLY A 78 2.11 16.54 4.97
CA GLY A 78 2.78 15.38 4.41
C GLY A 78 1.86 14.53 3.54
N ILE A 79 2.43 13.96 2.47
CA ILE A 79 1.65 13.20 1.48
C ILE A 79 2.11 11.75 1.34
N ASP A 80 1.17 10.82 1.48
CA ASP A 80 1.42 9.42 1.15
C ASP A 80 0.43 8.92 0.10
N THR A 81 0.89 8.03 -0.77
CA THR A 81 0.02 7.42 -1.80
C THR A 81 0.36 5.95 -2.00
N TRP A 82 -0.35 5.31 -2.93
CA TRP A 82 0.00 3.97 -3.40
C TRP A 82 1.40 3.98 -4.03
N GLY A 83 2.11 2.86 -3.90
CA GLY A 83 3.46 2.74 -4.42
C GLY A 83 3.52 2.53 -5.92
N VAL A 84 4.74 2.32 -6.42
CA VAL A 84 5.02 1.91 -7.81
C VAL A 84 4.84 3.03 -8.85
N ASP A 85 3.70 3.71 -8.84
CA ASP A 85 3.37 4.62 -9.93
C ASP A 85 4.13 5.93 -9.92
N PHE A 86 4.13 6.61 -11.07
CA PHE A 86 5.00 7.75 -11.29
C PHE A 86 4.43 8.74 -12.31
N VAL A 87 5.00 9.94 -12.32
CA VAL A 87 4.65 10.98 -13.28
C VAL A 87 5.93 11.55 -13.90
N LEU A 88 5.94 11.71 -15.23
CA LEU A 88 7.09 12.26 -15.95
C LEU A 88 6.94 13.76 -16.17
N LEU A 89 8.04 14.50 -16.05
CA LEU A 89 8.03 15.95 -16.21
C LEU A 89 9.12 16.42 -17.17
N ASP A 90 8.86 17.50 -17.88
CA ASP A 90 9.84 18.09 -18.79
C ASP A 90 10.76 19.06 -18.05
N GLN A 91 11.47 19.90 -18.81
CA GLN A 91 12.39 20.88 -18.25
C GLN A 91 11.68 21.98 -17.45
N GLN A 92 10.42 22.22 -17.80
CA GLN A 92 9.66 23.34 -17.23
C GLN A 92 8.73 22.94 -16.10
N GLY A 93 8.49 21.63 -15.97
CA GLY A 93 7.62 21.10 -14.93
C GLY A 93 6.30 20.55 -15.44
N GLN A 94 6.04 20.76 -16.73
CA GLN A 94 4.84 20.24 -17.36
C GLN A 94 4.92 18.72 -17.50
N ARG A 95 3.80 18.04 -17.26
CA ARG A 95 3.73 16.57 -17.39
C ARG A 95 4.00 16.09 -18.82
N VAL A 96 4.71 14.96 -18.91
CA VAL A 96 5.00 14.33 -20.20
C VAL A 96 4.32 12.96 -20.24
N GLY A 97 3.50 12.74 -21.27
CA GLY A 97 2.71 11.51 -21.39
C GLY A 97 1.56 11.45 -20.40
N LEU A 98 0.97 10.26 -20.27
CA LEU A 98 -0.19 10.04 -19.39
C LEU A 98 0.23 9.44 -18.05
N PRO A 99 -0.50 9.78 -16.97
CA PRO A 99 -0.22 9.17 -15.67
C PRO A 99 -0.83 7.78 -15.57
N VAL A 100 -0.11 6.79 -16.10
CA VAL A 100 -0.60 5.41 -16.25
C VAL A 100 -0.62 4.66 -14.91
N ALA A 101 -1.71 3.93 -14.67
CA ALA A 101 -1.91 3.16 -13.44
C ALA A 101 -1.20 1.80 -13.51
N TYR A 102 -0.93 1.21 -12.34
CA TYR A 102 -0.32 -0.12 -12.26
C TYR A 102 -1.25 -1.23 -12.79
N ARG A 103 -2.54 -0.95 -12.84
CA ARG A 103 -3.55 -1.90 -13.36
C ARG A 103 -3.58 -1.97 -14.89
N ASP A 104 -2.71 -1.23 -15.56
CA ASP A 104 -2.67 -1.22 -17.03
C ASP A 104 -1.91 -2.43 -17.57
N SER A 105 -2.34 -2.93 -18.73
CA SER A 105 -1.81 -4.16 -19.31
C SER A 105 -0.55 -3.98 -20.17
N ARG A 106 -0.07 -2.75 -20.28
CA ARG A 106 1.13 -2.43 -21.08
C ARG A 106 2.38 -3.22 -20.67
N THR A 107 2.39 -3.71 -19.43
CA THR A 107 3.54 -4.42 -18.88
C THR A 107 3.48 -5.93 -19.11
N ASN A 108 2.36 -6.42 -19.63
CA ASN A 108 2.15 -7.87 -19.81
C ASN A 108 3.26 -8.57 -20.57
N GLY A 109 3.96 -9.46 -19.88
CA GLY A 109 5.04 -10.25 -20.46
C GLY A 109 6.43 -9.73 -20.16
N LEU A 110 6.52 -8.45 -19.82
CA LEU A 110 7.82 -7.77 -19.63
C LEU A 110 8.62 -8.26 -18.41
N MET A 111 7.91 -8.68 -17.36
CA MET A 111 8.55 -9.25 -16.17
C MET A 111 9.28 -10.55 -16.52
N ALA A 112 8.62 -11.40 -17.31
CA ALA A 112 9.19 -12.65 -17.79
C ALA A 112 10.42 -12.41 -18.66
N GLN A 113 10.35 -11.36 -19.48
CA GLN A 113 11.45 -10.95 -20.36
C GLN A 113 12.68 -10.53 -19.55
N ALA A 114 12.45 -9.80 -18.46
CA ALA A 114 13.51 -9.33 -17.57
C ALA A 114 14.21 -10.48 -16.83
N GLN A 115 13.41 -11.40 -16.31
CA GLN A 115 13.93 -12.59 -15.65
C GLN A 115 14.72 -13.46 -16.62
N GLN A 116 14.33 -13.42 -17.90
CA GLN A 116 15.04 -14.13 -18.96
C GLN A 116 16.32 -13.43 -19.38
N GLN A 117 16.26 -12.11 -19.53
CA GLN A 117 17.39 -11.32 -20.02
C GLN A 117 18.44 -11.02 -18.95
N LEU A 118 17.97 -10.68 -17.74
CA LEU A 118 18.86 -10.27 -16.65
C LEU A 118 19.10 -11.37 -15.62
N GLY A 119 18.16 -12.32 -15.53
CA GLY A 119 18.22 -13.37 -14.53
C GLY A 119 17.35 -13.04 -13.32
N LYS A 120 16.47 -13.98 -12.98
CA LYS A 120 15.59 -13.88 -11.81
C LYS A 120 16.39 -13.65 -10.52
N ARG A 121 17.40 -14.49 -10.31
CA ARG A 121 18.32 -14.37 -9.18
C ARG A 121 18.97 -12.98 -9.09
N ASP A 122 19.47 -12.49 -10.23
CA ASP A 122 20.20 -11.22 -10.25
C ASP A 122 19.34 -10.03 -9.84
N ILE A 123 18.20 -9.85 -10.50
CA ILE A 123 17.27 -8.76 -10.18
C ILE A 123 16.89 -8.80 -8.71
N TYR A 124 16.65 -10.01 -8.19
CA TYR A 124 16.29 -10.19 -6.79
C TYR A 124 17.44 -9.86 -5.82
N GLN A 125 18.66 -10.23 -6.20
CA GLN A 125 19.84 -9.94 -5.36
C GLN A 125 20.11 -8.45 -5.26
N ARG A 126 19.84 -7.74 -6.34
CA ARG A 126 20.07 -6.30 -6.43
C ARG A 126 19.02 -5.50 -5.67
N SER A 127 17.75 -5.88 -5.84
CA SER A 127 16.62 -5.09 -5.38
C SER A 127 16.00 -5.60 -4.08
N GLY A 128 15.99 -6.92 -3.90
CA GLY A 128 15.32 -7.55 -2.76
C GLY A 128 13.82 -7.31 -2.75
N ILE A 129 13.29 -7.02 -3.93
CA ILE A 129 11.87 -6.68 -4.10
C ILE A 129 11.17 -7.83 -4.83
N GLN A 130 9.97 -8.18 -4.34
CA GLN A 130 9.14 -9.22 -4.94
C GLN A 130 8.88 -8.94 -6.40
N PHE A 131 8.72 -10.00 -7.19
CA PHE A 131 8.38 -9.86 -8.58
C PHE A 131 6.88 -9.65 -8.70
N LEU A 132 6.50 -8.44 -9.09
CA LEU A 132 5.13 -8.11 -9.45
C LEU A 132 5.16 -7.60 -10.87
N PRO A 133 4.23 -8.07 -11.73
CA PRO A 133 4.27 -7.72 -13.15
C PRO A 133 4.12 -6.23 -13.43
N PHE A 134 3.63 -5.48 -12.45
CA PHE A 134 3.38 -4.05 -12.61
C PHE A 134 4.41 -3.15 -11.91
N ASN A 135 5.54 -3.72 -11.50
CA ASN A 135 6.63 -2.94 -10.91
C ASN A 135 7.14 -1.86 -11.86
N THR A 136 7.59 -0.74 -11.29
CA THR A 136 8.08 0.41 -12.06
C THR A 136 9.18 0.02 -13.06
N LEU A 137 10.01 -0.94 -12.66
CA LEU A 137 11.04 -1.52 -13.55
C LEU A 137 10.45 -1.96 -14.88
N TYR A 138 9.26 -2.56 -14.86
CA TYR A 138 8.61 -3.05 -16.08
C TYR A 138 7.69 -2.00 -16.68
N GLN A 139 7.26 -1.04 -15.87
CA GLN A 139 6.48 0.10 -16.35
C GLN A 139 7.33 1.03 -17.22
N LEU A 140 8.58 1.25 -16.80
CA LEU A 140 9.51 2.09 -17.54
C LEU A 140 10.04 1.43 -18.81
N ARG A 141 10.09 0.10 -18.81
CA ARG A 141 10.40 -0.68 -20.01
C ARG A 141 9.29 -0.50 -21.04
N ALA A 142 8.05 -0.65 -20.58
CA ALA A 142 6.86 -0.45 -21.42
C ALA A 142 6.86 0.92 -22.10
N LEU A 143 7.19 1.96 -21.34
CA LEU A 143 7.21 3.33 -21.85
C LEU A 143 8.32 3.55 -22.88
N THR A 144 9.54 3.11 -22.56
CA THR A 144 10.68 3.27 -23.47
C THR A 144 10.57 2.44 -24.74
N GLU A 145 9.91 1.29 -24.65
CA GLU A 145 9.71 0.41 -25.80
C GLU A 145 8.52 0.83 -26.67
N GLN A 146 7.41 1.20 -26.02
CA GLN A 146 6.17 1.50 -26.73
C GLN A 146 6.04 2.96 -27.14
N GLN A 147 6.61 3.86 -26.35
CA GLN A 147 6.61 5.30 -26.67
C GLN A 147 8.02 5.89 -26.60
N PRO A 148 8.84 5.69 -27.66
CA PRO A 148 10.20 6.23 -27.68
C PRO A 148 10.28 7.69 -28.15
N GLU A 149 9.14 8.27 -28.49
CA GLU A 149 9.07 9.66 -28.94
C GLU A 149 8.92 10.64 -27.76
N LEU A 150 8.63 10.08 -26.58
CA LEU A 150 8.51 10.87 -25.36
C LEU A 150 9.87 11.06 -24.68
N ILE A 151 10.74 10.07 -24.83
CA ILE A 151 12.07 10.02 -24.18
C ILE A 151 12.83 11.37 -24.14
N PRO A 152 13.02 12.03 -25.30
CA PRO A 152 13.81 13.27 -25.32
C PRO A 152 13.24 14.39 -24.44
N HIS A 153 11.92 14.41 -24.29
CA HIS A 153 11.24 15.46 -23.52
C HIS A 153 11.39 15.30 -22.01
N ILE A 154 11.59 14.06 -21.55
CA ILE A 154 11.63 13.74 -20.12
C ILE A 154 12.90 14.24 -19.43
N ALA A 155 12.72 15.09 -18.42
CA ALA A 155 13.81 15.55 -17.57
C ALA A 155 13.79 14.89 -16.20
N HIS A 156 12.59 14.67 -15.66
CA HIS A 156 12.44 14.14 -14.31
C HIS A 156 11.32 13.10 -14.21
N ALA A 157 11.53 12.11 -13.34
CA ALA A 157 10.50 11.15 -12.99
C ALA A 157 10.28 11.17 -11.49
N LEU A 158 9.08 11.55 -11.07
CA LEU A 158 8.73 11.60 -9.67
C LEU A 158 7.66 10.57 -9.37
N LEU A 159 7.85 9.80 -8.30
CA LEU A 159 6.81 8.90 -7.83
C LEU A 159 5.64 9.73 -7.31
N MET A 160 4.45 9.14 -7.35
CA MET A 160 3.19 9.86 -7.06
C MET A 160 3.20 10.84 -5.88
N PRO A 161 3.64 10.41 -4.67
CA PRO A 161 3.60 11.35 -3.54
C PRO A 161 4.58 12.52 -3.68
N ASP A 162 5.73 12.28 -4.31
CA ASP A 162 6.72 13.33 -4.56
C ASP A 162 6.23 14.27 -5.65
N TYR A 163 5.47 13.71 -6.60
CA TYR A 163 4.83 14.54 -7.62
C TYR A 163 3.91 15.57 -6.98
N PHE A 164 3.05 15.11 -6.08
CA PHE A 164 2.11 16.01 -5.40
C PHE A 164 2.81 16.95 -4.42
N SER A 165 3.90 16.49 -3.81
CA SER A 165 4.75 17.35 -2.97
C SER A 165 5.39 18.46 -3.79
N TYR A 166 5.81 18.12 -5.01
CA TYR A 166 6.41 19.09 -5.92
C TYR A 166 5.39 20.14 -6.34
N ARG A 167 4.17 19.69 -6.64
CA ARG A 167 3.09 20.57 -7.07
C ARG A 167 2.75 21.64 -6.02
N LEU A 168 2.94 21.30 -4.75
CA LEU A 168 2.69 22.23 -3.64
C LEU A 168 3.89 23.13 -3.35
N THR A 169 5.09 22.57 -3.46
CA THR A 169 6.31 23.27 -3.05
C THR A 169 7.05 23.92 -4.22
N GLY A 170 7.22 23.16 -5.29
CA GLY A 170 8.08 23.56 -6.41
C GLY A 170 9.41 22.84 -6.32
N LYS A 171 9.54 21.98 -5.32
CA LYS A 171 10.78 21.26 -5.06
C LYS A 171 10.58 19.78 -5.30
N MET A 172 11.55 19.17 -5.96
CA MET A 172 11.49 17.75 -6.27
C MET A 172 12.20 16.94 -5.21
N ASN A 173 11.61 15.78 -4.91
CA ASN A 173 12.11 14.87 -3.89
C ASN A 173 12.02 13.46 -4.45
N TRP A 174 12.83 12.55 -3.92
CA TRP A 174 12.74 11.14 -4.26
C TRP A 174 12.80 10.35 -2.97
N GLU A 175 11.61 10.09 -2.40
CA GLU A 175 11.50 9.54 -1.06
C GLU A 175 11.82 8.05 -1.04
N TYR A 176 12.68 7.68 -0.08
CA TYR A 176 13.25 6.33 0.00
C TYR A 176 12.24 5.18 0.08
N THR A 177 11.33 5.21 1.07
CA THR A 177 10.40 4.10 1.31
C THR A 177 9.57 3.73 0.08
N ASN A 178 9.15 4.75 -0.67
CA ASN A 178 8.41 4.53 -1.90
C ASN A 178 9.30 4.19 -3.09
N ALA A 179 10.50 4.79 -3.13
CA ALA A 179 11.47 4.45 -4.17
C ALA A 179 11.75 2.95 -4.23
N THR A 180 11.73 2.28 -3.08
CA THR A 180 12.02 0.84 -3.03
C THR A 180 10.94 -0.03 -3.70
N THR A 181 9.72 0.50 -3.81
CA THR A 181 8.62 -0.24 -4.46
C THR A 181 8.80 -0.39 -5.99
N THR A 182 9.77 0.35 -6.53
CA THR A 182 10.00 0.42 -7.98
C THR A 182 10.75 -0.78 -8.54
N GLN A 183 11.49 -1.48 -7.67
CA GLN A 183 12.44 -2.53 -8.07
C GLN A 183 13.57 -1.95 -8.92
N LEU A 184 13.96 -0.71 -8.62
CA LEU A 184 15.05 -0.02 -9.31
C LEU A 184 16.12 0.48 -8.35
N VAL A 185 15.88 0.33 -7.04
CA VAL A 185 16.85 0.73 -6.04
C VAL A 185 17.68 -0.48 -5.59
N ASN A 186 19.00 -0.33 -5.62
CA ASN A 186 19.89 -1.35 -5.10
C ASN A 186 19.87 -1.37 -3.58
N ILE A 187 19.54 -2.54 -3.02
CA ILE A 187 19.33 -2.70 -1.58
C ILE A 187 20.61 -2.52 -0.72
N ASN A 188 21.78 -2.63 -1.34
CA ASN A 188 23.04 -2.51 -0.62
C ASN A 188 23.57 -1.07 -0.55
N SER A 189 23.16 -0.25 -1.51
CA SER A 189 23.64 1.13 -1.61
C SER A 189 22.57 2.16 -1.25
N ASP A 190 21.31 1.73 -1.26
CA ASP A 190 20.14 2.62 -1.11
C ASP A 190 20.04 3.68 -2.22
N ASP A 191 20.62 3.36 -3.37
CA ASP A 191 20.57 4.22 -4.54
C ASP A 191 20.15 3.41 -5.75
N TRP A 192 19.82 4.10 -6.83
CA TRP A 192 19.33 3.48 -8.06
C TRP A 192 20.34 2.51 -8.67
N ASP A 193 19.88 1.32 -9.03
CA ASP A 193 20.73 0.30 -9.64
C ASP A 193 20.95 0.61 -11.11
N GLU A 194 22.22 0.61 -11.50
CA GLU A 194 22.65 0.92 -12.87
C GLU A 194 22.09 -0.04 -13.91
N SER A 195 22.26 -1.34 -13.66
CA SER A 195 21.87 -2.38 -14.62
C SER A 195 20.35 -2.47 -14.80
N LEU A 196 19.61 -2.31 -13.71
CA LEU A 196 18.15 -2.33 -13.77
C LEU A 196 17.60 -1.09 -14.49
N LEU A 197 18.18 0.08 -14.20
CA LEU A 197 17.84 1.31 -14.91
C LEU A 197 18.14 1.19 -16.40
N ALA A 198 19.24 0.51 -16.74
CA ALA A 198 19.65 0.29 -18.12
C ALA A 198 18.65 -0.58 -18.89
N TRP A 199 18.19 -1.65 -18.25
CA TRP A 199 17.21 -2.54 -18.87
C TRP A 199 15.86 -1.85 -19.07
N SER A 200 15.46 -1.06 -18.08
CA SER A 200 14.21 -0.31 -18.15
C SER A 200 14.27 0.76 -19.23
N GLY A 201 15.48 1.19 -19.59
CA GLY A 201 15.68 2.23 -20.59
C GLY A 201 15.62 3.64 -20.00
N ALA A 202 15.29 3.71 -18.71
CA ALA A 202 15.21 4.99 -18.00
C ALA A 202 16.59 5.58 -17.74
N ASN A 203 16.64 6.90 -17.53
CA ASN A 203 17.88 7.62 -17.29
C ASN A 203 18.05 7.92 -15.80
N LYS A 204 19.26 7.67 -15.29
CA LYS A 204 19.60 7.93 -13.89
C LYS A 204 19.43 9.40 -13.49
N ALA A 205 19.60 10.29 -14.46
CA ALA A 205 19.44 11.73 -14.23
C ALA A 205 17.97 12.17 -14.05
N TRP A 206 17.03 11.27 -14.33
CA TRP A 206 15.60 11.52 -14.11
C TRP A 206 15.25 11.40 -12.62
N PHE A 207 16.18 10.86 -11.85
CA PHE A 207 15.97 10.59 -10.44
C PHE A 207 17.14 11.16 -9.63
N GLY A 208 16.83 11.62 -8.42
CA GLY A 208 17.87 12.01 -7.47
C GLY A 208 18.07 10.90 -6.45
N ARG A 209 19.16 10.99 -5.68
CA ARG A 209 19.45 10.01 -4.64
C ARG A 209 18.26 9.89 -3.69
N PRO A 210 17.78 8.67 -3.44
CA PRO A 210 16.69 8.49 -2.49
C PRO A 210 17.07 8.98 -1.10
N THR A 211 16.18 9.76 -0.50
CA THR A 211 16.39 10.33 0.83
C THR A 211 15.39 9.76 1.82
N HIS A 212 15.90 9.43 3.01
CA HIS A 212 15.10 8.82 4.07
C HIS A 212 14.09 9.82 4.65
N PRO A 213 12.91 9.33 5.07
CA PRO A 213 11.84 10.22 5.56
C PRO A 213 12.29 11.19 6.66
N GLY A 214 11.74 12.41 6.64
CA GLY A 214 11.99 13.38 7.69
C GLY A 214 12.40 14.77 7.21
N ASN A 215 13.00 14.86 6.03
CA ASN A 215 13.40 16.14 5.47
C ASN A 215 12.22 17.00 5.05
N VAL A 216 12.40 18.32 5.11
CA VAL A 216 11.42 19.27 4.62
C VAL A 216 11.68 19.49 3.13
N ILE A 217 10.72 19.10 2.29
CA ILE A 217 10.84 19.22 0.84
C ILE A 217 10.80 20.69 0.44
N GLY A 218 9.82 21.39 0.97
CA GLY A 218 9.63 22.81 0.69
C GLY A 218 8.51 23.34 1.55
N HIS A 219 7.76 24.29 1.01
CA HIS A 219 6.69 24.96 1.74
C HIS A 219 5.46 25.17 0.88
N TRP A 220 4.29 25.22 1.53
CA TRP A 220 3.06 25.53 0.84
C TRP A 220 2.40 26.79 1.39
N ILE A 221 1.76 27.54 0.51
CA ILE A 221 1.27 28.89 0.81
C ILE A 221 -0.26 28.93 0.79
N CYS A 222 -0.87 29.16 1.95
CA CYS A 222 -2.31 29.44 2.03
C CYS A 222 -2.57 30.75 1.28
N PRO A 223 -3.81 30.95 0.78
CA PRO A 223 -4.13 32.14 -0.04
C PRO A 223 -3.78 33.50 0.59
N GLN A 224 -3.20 33.51 1.79
CA GLN A 224 -2.85 34.76 2.46
C GLN A 224 -1.34 35.02 2.60
N GLY A 225 -0.53 33.97 2.69
CA GLY A 225 0.92 34.14 2.72
C GLY A 225 1.77 33.14 3.49
N ASN A 226 1.43 32.91 4.75
CA ASN A 226 2.26 32.11 5.67
C ASN A 226 2.72 30.74 5.17
N GLU A 227 4.00 30.45 5.41
CA GLU A 227 4.63 29.22 4.95
C GLU A 227 4.37 28.04 5.87
N ILE A 228 3.91 26.95 5.29
CA ILE A 228 3.77 25.68 5.99
C ILE A 228 4.74 24.68 5.38
N PRO A 229 5.70 24.18 6.19
CA PRO A 229 6.67 23.16 5.76
C PRO A 229 6.01 21.87 5.27
N VAL A 230 6.42 21.40 4.10
CA VAL A 230 5.95 20.13 3.55
C VAL A 230 7.02 19.06 3.78
N VAL A 231 6.66 18.05 4.56
CA VAL A 231 7.61 17.03 5.01
C VAL A 231 7.52 15.78 4.14
N ALA A 232 8.67 15.22 3.78
CA ALA A 232 8.72 13.92 3.12
C ALA A 232 8.51 12.85 4.17
N VAL A 233 7.31 12.27 4.19
CA VAL A 233 6.98 11.22 5.14
C VAL A 233 7.39 9.87 4.55
N ALA A 234 7.09 8.77 5.24
CA ALA A 234 7.23 7.47 4.60
C ALA A 234 6.11 7.41 3.57
N SER A 235 6.41 7.96 2.39
CA SER A 235 5.38 8.33 1.42
C SER A 235 4.63 7.16 0.76
N HIS A 236 5.21 5.96 0.81
CA HIS A 236 4.50 4.77 0.39
C HIS A 236 3.41 4.50 1.42
N ASP A 237 2.14 4.48 0.99
CA ASP A 237 1.02 4.30 1.93
C ASP A 237 1.22 3.13 2.89
N THR A 238 1.75 2.03 2.37
CA THR A 238 1.98 0.82 3.16
C THR A 238 3.08 1.06 4.20
N ALA A 239 4.11 1.80 3.82
CA ALA A 239 5.16 2.20 4.78
C ALA A 239 4.60 3.01 5.94
N SER A 240 3.66 3.92 5.63
CA SER A 240 2.96 4.72 6.66
C SER A 240 2.06 3.90 7.57
N ALA A 241 1.42 2.88 7.00
CA ALA A 241 0.48 2.05 7.74
C ALA A 241 1.22 1.17 8.73
N VAL A 242 2.41 0.72 8.33
CA VAL A 242 3.26 -0.09 9.21
C VAL A 242 3.76 0.73 10.40
N ILE A 243 4.17 1.98 10.14
CA ILE A 243 4.58 2.91 11.19
C ILE A 243 3.50 3.04 12.26
N ALA A 244 2.24 3.15 11.81
CA ALA A 244 1.11 3.37 12.72
C ALA A 244 0.56 2.09 13.34
N SER A 245 0.96 0.93 12.82
CA SER A 245 0.57 -0.33 13.43
C SER A 245 1.21 -0.48 14.82
N PRO A 246 0.39 -0.73 15.85
CA PRO A 246 0.87 -0.79 17.23
C PRO A 246 1.63 -2.09 17.53
N LEU A 247 2.68 -2.33 16.74
CA LEU A 247 3.50 -3.54 16.82
C LEU A 247 4.18 -3.71 18.18
N ASN A 248 3.98 -4.88 18.79
CA ASN A 248 4.52 -5.22 20.10
C ASN A 248 5.85 -5.98 20.03
N GLY A 249 6.87 -5.30 19.50
CA GLY A 249 8.21 -5.89 19.40
C GLY A 249 8.36 -6.82 18.20
N SER A 250 9.22 -7.82 18.36
CA SER A 250 9.69 -8.65 17.24
C SER A 250 8.71 -9.69 16.75
N ARG A 251 7.92 -10.28 17.64
CA ARG A 251 6.98 -11.31 17.19
C ARG A 251 5.54 -10.83 16.93
N ALA A 252 5.45 -9.64 16.36
CA ALA A 252 4.17 -9.14 15.87
C ALA A 252 4.25 -8.98 14.36
N ALA A 253 3.18 -9.39 13.68
CA ALA A 253 3.08 -9.20 12.24
C ALA A 253 2.02 -8.13 11.96
N TYR A 254 2.06 -7.55 10.77
CA TYR A 254 1.03 -6.63 10.32
C TYR A 254 0.34 -7.13 9.07
N LEU A 255 -0.90 -6.72 8.92
CA LEU A 255 -1.64 -6.89 7.68
C LEU A 255 -2.28 -5.53 7.36
N SER A 256 -1.68 -4.84 6.40
CA SER A 256 -2.24 -3.58 5.93
C SER A 256 -3.33 -3.89 4.91
N SER A 257 -4.58 -3.67 5.30
CA SER A 257 -5.72 -4.19 4.54
C SER A 257 -6.56 -3.11 3.88
N GLY A 258 -6.46 -3.01 2.56
CA GLY A 258 -7.31 -2.12 1.77
C GLY A 258 -7.57 -2.79 0.43
N THR A 259 -7.35 -2.04 -0.65
CA THR A 259 -7.36 -2.58 -2.00
C THR A 259 -6.45 -3.80 -2.05
N TRP A 260 -5.23 -3.63 -1.52
CA TRP A 260 -4.30 -4.71 -1.33
C TRP A 260 -4.24 -5.12 0.13
N SER A 261 -3.96 -6.40 0.37
CA SER A 261 -3.56 -6.88 1.67
C SER A 261 -2.06 -7.05 1.64
N LEU A 262 -1.35 -6.31 2.48
CA LEU A 262 0.09 -6.41 2.57
C LEU A 262 0.43 -7.07 3.91
N MET A 263 0.93 -8.30 3.86
CA MET A 263 1.24 -9.03 5.07
C MET A 263 2.74 -9.18 5.21
N GLY A 264 3.24 -8.86 6.39
CA GLY A 264 4.66 -8.91 6.66
C GLY A 264 5.07 -8.61 8.07
N PHE A 265 6.38 -8.45 8.26
CA PHE A 265 6.94 -8.07 9.54
C PHE A 265 8.03 -7.04 9.29
N GLU A 266 8.67 -6.57 10.37
CA GLU A 266 9.77 -5.60 10.28
C GLU A 266 11.09 -6.27 10.63
N SER A 267 12.11 -5.95 9.86
CA SER A 267 13.46 -6.46 10.09
C SER A 267 14.49 -5.36 9.83
N GLN A 268 15.59 -5.37 10.57
CA GLN A 268 16.66 -4.42 10.31
C GLN A 268 17.55 -4.87 9.16
N THR A 269 17.47 -6.17 8.85
CA THR A 269 18.21 -6.76 7.74
C THR A 269 17.25 -7.41 6.74
N PRO A 270 17.54 -7.25 5.44
CA PRO A 270 16.69 -7.86 4.42
C PRO A 270 16.87 -9.37 4.30
N PHE A 271 15.89 -10.02 3.67
CA PHE A 271 15.95 -11.44 3.35
C PHE A 271 15.97 -11.61 1.84
N THR A 272 17.13 -11.94 1.29
CA THR A 272 17.29 -12.08 -0.17
C THR A 272 17.81 -13.48 -0.58
N ASN A 273 17.76 -14.42 0.36
CA ASN A 273 18.21 -15.81 0.13
C ASN A 273 17.28 -16.57 -0.81
N ASP A 274 17.57 -17.87 -0.99
CA ASP A 274 16.77 -18.75 -1.86
C ASP A 274 15.34 -18.92 -1.37
N THR A 275 15.17 -18.99 -0.05
CA THR A 275 13.86 -19.15 0.59
C THR A 275 12.95 -17.95 0.30
N ALA A 276 13.53 -16.75 0.38
CA ALA A 276 12.81 -15.51 0.14
C ALA A 276 12.40 -15.36 -1.33
N LEU A 277 13.31 -15.71 -2.24
CA LEU A 277 13.03 -15.68 -3.68
C LEU A 277 11.92 -16.67 -4.06
N ALA A 278 12.04 -17.91 -3.58
CA ALA A 278 11.04 -18.96 -3.84
C ALA A 278 9.65 -18.59 -3.32
N ALA A 279 9.61 -17.88 -2.19
CA ALA A 279 8.34 -17.44 -1.61
C ALA A 279 7.91 -16.08 -2.18
N ASN A 280 8.82 -15.46 -2.93
CA ASN A 280 8.57 -14.17 -3.60
C ASN A 280 8.27 -13.06 -2.58
N ILE A 281 9.13 -12.97 -1.57
CA ILE A 281 9.01 -11.98 -0.53
C ILE A 281 9.64 -10.68 -0.97
N THR A 282 9.05 -9.56 -0.54
CA THR A 282 9.66 -8.25 -0.77
C THR A 282 10.31 -7.68 0.48
N ASN A 283 11.31 -6.83 0.27
CA ASN A 283 11.94 -6.09 1.34
C ASN A 283 11.82 -4.61 1.02
N GLU A 284 10.61 -4.09 1.22
CA GLU A 284 10.32 -2.69 0.96
C GLU A 284 10.96 -1.80 2.02
N GLY A 285 11.33 -0.58 1.63
CA GLY A 285 11.95 0.38 2.53
C GLY A 285 10.97 0.87 3.59
N GLY A 286 11.49 1.02 4.81
CA GLY A 286 10.68 1.54 5.91
C GLY A 286 11.40 2.68 6.59
N ALA A 287 10.69 3.32 7.52
CA ALA A 287 11.29 4.34 8.37
C ALA A 287 12.34 3.70 9.27
N GLU A 288 13.40 4.45 9.58
CA GLU A 288 14.47 4.00 10.48
C GLU A 288 15.34 2.89 9.88
N GLY A 289 15.18 2.64 8.59
CA GLY A 289 15.88 1.55 7.92
C GLY A 289 15.29 0.18 8.21
N ARG A 290 14.14 0.16 8.88
CA ARG A 290 13.46 -1.09 9.19
C ARG A 290 12.71 -1.63 7.97
N TYR A 291 13.33 -2.61 7.31
CA TYR A 291 12.75 -3.26 6.14
C TYR A 291 11.39 -3.85 6.43
N ARG A 292 10.46 -3.59 5.52
CA ARG A 292 9.14 -4.16 5.60
C ARG A 292 9.14 -5.43 4.75
N VAL A 293 9.36 -6.56 5.43
CA VAL A 293 9.47 -7.86 4.79
C VAL A 293 8.07 -8.46 4.63
N LEU A 294 7.51 -8.31 3.44
CA LEU A 294 6.11 -8.62 3.21
C LEU A 294 5.82 -9.27 1.86
N LYS A 295 4.56 -9.69 1.68
CA LYS A 295 4.06 -10.15 0.40
C LYS A 295 2.77 -9.41 0.05
N ASN A 296 2.60 -9.10 -1.24
CA ASN A 296 1.34 -8.59 -1.74
C ASN A 296 0.28 -9.69 -1.86
N ILE A 297 -0.90 -9.41 -1.34
CA ILE A 297 -2.06 -10.28 -1.49
C ILE A 297 -3.15 -9.45 -2.15
N MET A 298 -3.70 -9.97 -3.26
CA MET A 298 -4.61 -9.23 -4.11
C MET A 298 -5.63 -8.40 -3.32
N GLY A 299 -6.18 -8.97 -2.26
CA GLY A 299 -6.93 -8.20 -1.29
C GLY A 299 -8.37 -7.90 -1.64
N LEU A 300 -8.90 -6.84 -1.04
CA LEU A 300 -10.32 -6.51 -1.18
C LEU A 300 -10.69 -5.87 -2.51
N TRP A 301 -9.69 -5.62 -3.35
CA TRP A 301 -9.90 -5.29 -4.77
C TRP A 301 -10.95 -6.18 -5.43
N LEU A 302 -10.92 -7.47 -5.08
CA LEU A 302 -11.87 -8.45 -5.62
C LEU A 302 -13.29 -8.14 -5.18
N LEU A 303 -13.44 -7.76 -3.90
CA LEU A 303 -14.74 -7.38 -3.37
C LEU A 303 -15.23 -6.05 -3.95
N GLN A 304 -14.33 -5.08 -4.04
CA GLN A 304 -14.60 -3.79 -4.68
C GLN A 304 -15.25 -3.95 -6.05
N ARG A 305 -14.65 -4.80 -6.88
CA ARG A 305 -15.15 -5.09 -8.22
C ARG A 305 -16.48 -5.85 -8.21
N VAL A 306 -16.66 -6.77 -7.26
CA VAL A 306 -17.93 -7.49 -7.17
C VAL A 306 -19.06 -6.55 -6.74
N LEU A 307 -18.72 -5.56 -5.91
CA LEU A 307 -19.67 -4.56 -5.45
C LEU A 307 -20.24 -3.72 -6.60
N GLN A 308 -19.35 -3.13 -7.40
CA GLN A 308 -19.75 -2.34 -8.57
C GLN A 308 -20.56 -3.15 -9.58
N GLU A 309 -20.05 -4.32 -9.95
CA GLU A 309 -20.70 -5.17 -10.95
C GLU A 309 -22.06 -5.71 -10.52
N ARG A 310 -22.21 -5.98 -9.22
CA ARG A 310 -23.48 -6.47 -8.68
C ARG A 310 -24.41 -5.36 -8.17
N GLN A 311 -23.92 -4.12 -8.23
CA GLN A 311 -24.68 -2.94 -7.81
C GLN A 311 -25.08 -3.02 -6.33
N ILE A 312 -24.08 -3.20 -5.47
CA ILE A 312 -24.28 -3.32 -4.02
C ILE A 312 -23.78 -2.06 -3.32
N ASN A 313 -24.69 -1.35 -2.65
CA ASN A 313 -24.34 -0.11 -1.97
C ASN A 313 -24.30 -0.19 -0.44
N ASP A 314 -24.61 -1.37 0.10
CA ASP A 314 -24.59 -1.60 1.54
C ASP A 314 -23.64 -2.74 1.87
N LEU A 315 -22.37 -2.40 2.12
CA LEU A 315 -21.33 -3.39 2.43
C LEU A 315 -21.55 -4.11 3.77
N PRO A 316 -21.84 -3.37 4.87
CA PRO A 316 -22.11 -4.04 6.14
C PRO A 316 -23.25 -5.06 6.08
N ALA A 317 -24.30 -4.76 5.31
CA ALA A 317 -25.39 -5.70 5.11
C ALA A 317 -24.92 -6.96 4.37
N LEU A 318 -24.06 -6.77 3.37
CA LEU A 318 -23.50 -7.90 2.63
C LEU A 318 -22.65 -8.79 3.53
N ILE A 319 -21.79 -8.17 4.34
CA ILE A 319 -20.94 -8.91 5.28
C ILE A 319 -21.78 -9.71 6.27
N ALA A 320 -22.82 -9.08 6.82
CA ALA A 320 -23.71 -9.72 7.79
C ALA A 320 -24.40 -10.96 7.23
N ALA A 321 -24.80 -10.89 5.96
CA ALA A 321 -25.44 -12.03 5.27
C ALA A 321 -24.43 -13.14 4.98
N THR A 322 -23.22 -12.74 4.60
CA THR A 322 -22.13 -13.66 4.27
C THR A 322 -21.74 -14.53 5.47
N GLN A 323 -21.83 -13.95 6.66
CA GLN A 323 -21.62 -14.66 7.91
C GLN A 323 -22.56 -15.83 8.16
N ALA A 324 -23.71 -15.83 7.49
CA ALA A 324 -24.70 -16.91 7.62
C ALA A 324 -24.40 -18.10 6.70
N LEU A 325 -23.40 -17.93 5.84
CA LEU A 325 -23.08 -18.91 4.82
C LEU A 325 -21.92 -19.81 5.26
N PRO A 326 -22.00 -21.13 4.96
CA PRO A 326 -20.93 -22.08 5.29
C PRO A 326 -19.59 -21.70 4.68
N ALA A 327 -18.53 -21.81 5.47
CA ALA A 327 -17.19 -21.42 5.04
C ALA A 327 -16.48 -22.46 4.17
N CYS A 328 -15.61 -21.96 3.29
CA CYS A 328 -14.66 -22.78 2.52
C CYS A 328 -15.26 -23.78 1.54
N ARG A 329 -16.38 -23.41 0.91
CA ARG A 329 -16.95 -24.22 -0.17
C ARG A 329 -16.53 -23.66 -1.53
N PHE A 330 -16.23 -22.36 -1.57
CA PHE A 330 -15.69 -21.71 -2.76
C PHE A 330 -14.31 -21.17 -2.42
N ILE A 331 -13.28 -21.70 -3.06
CA ILE A 331 -11.91 -21.26 -2.83
C ILE A 331 -11.20 -21.02 -4.15
N ILE A 332 -10.66 -19.81 -4.27
CA ILE A 332 -9.84 -19.44 -5.42
C ILE A 332 -8.47 -19.01 -4.87
N ASN A 333 -7.51 -18.79 -5.76
CA ASN A 333 -6.27 -18.12 -5.37
C ASN A 333 -6.32 -16.66 -5.85
N PRO A 334 -6.58 -15.73 -4.93
CA PRO A 334 -6.70 -14.30 -5.28
C PRO A 334 -5.44 -13.71 -5.93
N ASN A 335 -4.28 -14.26 -5.60
CA ASN A 335 -3.02 -13.79 -6.19
C ASN A 335 -2.75 -14.25 -7.62
N ASP A 336 -3.70 -14.99 -8.19
CA ASP A 336 -3.62 -15.37 -9.59
C ASP A 336 -3.74 -14.11 -10.44
N ASP A 337 -2.88 -14.02 -11.45
CA ASP A 337 -2.83 -12.88 -12.38
C ASP A 337 -4.17 -12.55 -13.02
N ARG A 338 -5.03 -13.55 -13.14
CA ARG A 338 -6.35 -13.38 -13.74
C ARG A 338 -7.25 -12.39 -12.99
N PHE A 339 -6.87 -12.06 -11.76
CA PHE A 339 -7.67 -11.19 -10.90
C PHE A 339 -7.15 -9.76 -10.81
N ILE A 340 -6.03 -9.49 -11.48
CA ILE A 340 -5.40 -8.17 -11.44
C ILE A 340 -6.32 -7.10 -12.02
N ASN A 341 -6.88 -7.36 -13.20
CA ASN A 341 -7.85 -6.44 -13.82
C ASN A 341 -8.73 -7.07 -14.90
N PRO A 342 -9.48 -8.14 -14.55
CA PRO A 342 -10.37 -8.74 -15.55
C PRO A 342 -11.57 -7.84 -15.84
N ASP A 343 -12.16 -7.99 -17.02
CA ASP A 343 -13.35 -7.24 -17.41
C ASP A 343 -14.53 -7.58 -16.52
N GLU A 344 -14.74 -8.88 -16.31
CA GLU A 344 -15.83 -9.40 -15.48
C GLU A 344 -15.27 -10.14 -14.28
N MET A 345 -15.25 -9.49 -13.12
CA MET A 345 -14.71 -10.08 -11.90
C MET A 345 -15.54 -11.28 -11.41
N CYS A 346 -16.87 -11.12 -11.38
CA CYS A 346 -17.77 -12.18 -10.94
C CYS A 346 -17.62 -13.44 -11.78
N SER A 347 -17.53 -13.26 -13.10
CA SER A 347 -17.33 -14.35 -14.05
C SER A 347 -15.98 -15.02 -13.86
N GLU A 348 -14.95 -14.22 -13.57
CA GLU A 348 -13.61 -14.73 -13.34
C GLU A 348 -13.56 -15.62 -12.10
N ILE A 349 -14.10 -15.10 -10.99
CA ILE A 349 -14.19 -15.85 -9.75
C ILE A 349 -14.97 -17.16 -9.93
N GLN A 350 -16.08 -17.09 -10.66
CA GLN A 350 -16.91 -18.26 -10.90
C GLN A 350 -16.23 -19.27 -11.83
N ALA A 351 -15.52 -18.76 -12.83
CA ALA A 351 -14.76 -19.60 -13.76
C ALA A 351 -13.69 -20.38 -13.01
N ALA A 352 -12.97 -19.68 -12.14
CA ALA A 352 -11.90 -20.28 -11.32
C ALA A 352 -12.44 -21.37 -10.40
N CYS A 353 -13.62 -21.13 -9.80
CA CYS A 353 -14.28 -22.12 -8.95
C CYS A 353 -14.69 -23.35 -9.75
N ARG A 354 -15.28 -23.10 -10.91
CA ARG A 354 -15.80 -24.14 -11.80
C ARG A 354 -14.68 -25.02 -12.36
N GLU A 355 -13.51 -24.43 -12.58
CA GLU A 355 -12.33 -25.16 -13.06
C GLU A 355 -11.85 -26.20 -12.04
N MET A 356 -12.01 -25.89 -10.76
CA MET A 356 -11.58 -26.78 -9.68
C MET A 356 -12.66 -27.81 -9.28
N ALA A 357 -13.68 -27.95 -10.12
CA ALA A 357 -14.86 -28.82 -9.86
C ALA A 357 -15.61 -28.46 -8.57
N GLN A 358 -15.45 -27.21 -8.14
CA GLN A 358 -16.14 -26.71 -6.94
C GLN A 358 -17.51 -26.14 -7.31
N PRO A 359 -18.44 -26.13 -6.33
CA PRO A 359 -19.72 -25.44 -6.53
C PRO A 359 -19.49 -23.98 -6.90
N ILE A 360 -20.42 -23.41 -7.66
CA ILE A 360 -20.25 -22.07 -8.21
C ILE A 360 -20.91 -21.02 -7.30
N PRO A 361 -20.13 -20.02 -6.85
CA PRO A 361 -20.68 -18.92 -6.07
C PRO A 361 -21.44 -17.96 -6.99
N GLU A 362 -22.74 -17.81 -6.76
CA GLU A 362 -23.58 -17.04 -7.67
C GLU A 362 -24.26 -15.84 -7.02
N SER A 363 -24.72 -16.01 -5.79
CA SER A 363 -25.34 -14.91 -5.05
C SER A 363 -24.27 -13.95 -4.54
N ASP A 364 -24.70 -12.73 -4.19
CA ASP A 364 -23.82 -11.71 -3.64
C ASP A 364 -23.03 -12.25 -2.45
N ALA A 365 -23.75 -12.88 -1.53
CA ALA A 365 -23.17 -13.43 -0.32
C ALA A 365 -22.16 -14.53 -0.66
N GLU A 366 -22.50 -15.38 -1.63
CA GLU A 366 -21.60 -16.44 -2.06
C GLU A 366 -20.28 -15.92 -2.64
N LEU A 367 -20.37 -14.85 -3.44
CA LEU A 367 -19.18 -14.23 -4.03
C LEU A 367 -18.31 -13.56 -2.97
N ALA A 368 -18.93 -12.98 -1.95
CA ALA A 368 -18.22 -12.39 -0.84
C ALA A 368 -17.58 -13.47 0.04
N ARG A 369 -18.34 -14.54 0.28
CA ARG A 369 -17.87 -15.71 1.03
C ARG A 369 -16.63 -16.30 0.38
N CYS A 370 -16.73 -16.53 -0.92
CA CYS A 370 -15.58 -16.97 -1.72
C CYS A 370 -14.37 -16.07 -1.50
N ILE A 371 -14.55 -14.76 -1.64
CA ILE A 371 -13.45 -13.80 -1.49
C ILE A 371 -12.84 -13.79 -0.08
N PHE A 372 -13.69 -13.68 0.94
CA PHE A 372 -13.21 -13.63 2.33
C PHE A 372 -12.47 -14.90 2.74
N ASP A 373 -13.03 -16.05 2.38
CA ASP A 373 -12.45 -17.36 2.69
C ASP A 373 -11.14 -17.57 1.94
N SER A 374 -11.11 -17.24 0.66
CA SER A 374 -9.89 -17.39 -0.16
C SER A 374 -8.76 -16.48 0.30
N LEU A 375 -9.11 -15.29 0.79
CA LEU A 375 -8.10 -14.36 1.33
C LEU A 375 -7.52 -14.90 2.64
N ALA A 376 -8.42 -15.36 3.52
CA ALA A 376 -8.06 -15.84 4.84
C ALA A 376 -7.12 -17.05 4.77
N LEU A 377 -7.35 -17.93 3.80
CA LEU A 377 -6.48 -19.08 3.59
C LEU A 377 -5.10 -18.64 3.10
N LEU A 378 -5.07 -17.64 2.23
CA LEU A 378 -3.81 -17.07 1.75
C LEU A 378 -3.07 -16.31 2.84
N TYR A 379 -3.81 -15.58 3.69
CA TYR A 379 -3.26 -14.96 4.89
C TYR A 379 -2.52 -15.99 5.75
N ALA A 380 -3.17 -17.12 5.96
CA ALA A 380 -2.59 -18.25 6.68
C ALA A 380 -1.31 -18.75 6.00
N ASP A 381 -1.37 -18.95 4.68
CA ASP A 381 -0.22 -19.41 3.90
C ASP A 381 0.97 -18.48 3.99
N VAL A 382 0.74 -17.19 3.71
CA VAL A 382 1.79 -16.17 3.77
C VAL A 382 2.40 -16.02 5.17
N LEU A 383 1.56 -16.07 6.20
CA LEU A 383 2.06 -15.94 7.57
C LEU A 383 3.00 -17.10 7.94
N HIS A 384 2.65 -18.31 7.53
CA HIS A 384 3.51 -19.49 7.68
C HIS A 384 4.82 -19.29 6.90
N GLU A 385 4.71 -18.79 5.66
CA GLU A 385 5.87 -18.50 4.82
C GLU A 385 6.83 -17.49 5.46
N LEU A 386 6.28 -16.50 6.14
CA LEU A 386 7.08 -15.43 6.75
C LEU A 386 7.73 -15.86 8.05
N ALA A 387 6.99 -16.62 8.85
CA ALA A 387 7.49 -17.17 10.10
C ALA A 387 8.59 -18.21 9.85
N GLN A 388 8.39 -19.04 8.82
CA GLN A 388 9.34 -20.07 8.40
C GLN A 388 10.64 -19.45 7.88
N LEU A 389 10.53 -18.31 7.21
CA LEU A 389 11.69 -17.58 6.68
C LEU A 389 12.58 -17.01 7.79
N ARG A 390 11.97 -16.27 8.72
CA ARG A 390 12.71 -15.62 9.81
C ARG A 390 13.03 -16.57 10.96
N GLY A 391 12.49 -17.79 10.89
CA GLY A 391 12.68 -18.80 11.93
C GLY A 391 12.11 -18.42 13.28
N GLU A 392 10.94 -17.79 13.28
CA GLU A 392 10.29 -17.32 14.50
C GLU A 392 8.79 -17.20 14.32
N ASP A 393 8.02 -17.67 15.31
CA ASP A 393 6.57 -17.56 15.32
C ASP A 393 6.12 -16.11 15.54
N PHE A 394 4.86 -15.83 15.21
CA PHE A 394 4.25 -14.54 15.52
C PHE A 394 3.23 -14.72 16.65
N SER A 395 3.31 -13.86 17.66
CA SER A 395 2.39 -13.93 18.81
C SER A 395 1.04 -13.30 18.51
N GLN A 396 1.04 -12.25 17.69
CA GLN A 396 -0.16 -11.47 17.34
C GLN A 396 -0.08 -10.94 15.90
N LEU A 397 -1.24 -10.79 15.26
CA LEU A 397 -1.35 -10.14 13.94
C LEU A 397 -2.16 -8.84 13.99
N HIS A 398 -1.51 -7.74 13.60
CA HIS A 398 -2.16 -6.43 13.59
C HIS A 398 -2.74 -6.11 12.22
N ILE A 399 -4.07 -6.12 12.16
CA ILE A 399 -4.77 -5.77 10.93
C ILE A 399 -5.13 -4.28 10.99
N VAL A 400 -4.61 -3.53 10.02
CA VAL A 400 -4.88 -2.09 9.94
C VAL A 400 -5.49 -1.79 8.57
N GLY A 401 -6.01 -0.57 8.41
CA GLY A 401 -6.59 -0.13 7.15
C GLY A 401 -8.09 -0.28 7.14
N GLY A 402 -8.72 0.10 6.03
CA GLY A 402 -10.17 0.06 5.93
C GLY A 402 -10.71 -1.35 6.06
N GLY A 403 -9.93 -2.31 5.55
CA GLY A 403 -10.28 -3.72 5.65
C GLY A 403 -10.41 -4.26 7.06
N CYS A 404 -9.79 -3.57 8.03
CA CYS A 404 -9.83 -3.99 9.44
C CYS A 404 -11.18 -3.73 10.12
N GLN A 405 -12.10 -3.09 9.39
CA GLN A 405 -13.47 -2.89 9.85
C GLN A 405 -14.35 -4.09 9.49
N ASN A 406 -13.83 -4.97 8.64
CA ASN A 406 -14.52 -6.21 8.27
C ASN A 406 -14.31 -7.25 9.38
N THR A 407 -15.22 -7.26 10.34
CA THR A 407 -15.09 -8.10 11.54
C THR A 407 -15.15 -9.59 11.20
N LEU A 408 -15.87 -9.93 10.14
CA LEU A 408 -15.92 -11.30 9.62
C LEU A 408 -14.54 -11.75 9.15
N LEU A 409 -13.92 -10.95 8.28
CA LEU A 409 -12.61 -11.27 7.75
C LEU A 409 -11.54 -11.27 8.85
N ASN A 410 -11.66 -10.33 9.81
CA ASN A 410 -10.78 -10.31 10.98
C ASN A 410 -10.79 -11.63 11.72
N GLN A 411 -11.98 -12.19 11.91
CA GLN A 411 -12.15 -13.43 12.67
C GLN A 411 -11.70 -14.63 11.84
N LEU A 412 -12.00 -14.60 10.54
CA LEU A 412 -11.58 -15.64 9.62
C LEU A 412 -10.07 -15.76 9.57
N CYS A 413 -9.41 -14.60 9.52
CA CYS A 413 -7.97 -14.51 9.54
C CYS A 413 -7.37 -15.06 10.84
N ALA A 414 -7.97 -14.73 11.98
CA ALA A 414 -7.55 -15.27 13.27
C ALA A 414 -7.68 -16.80 13.29
N ASP A 415 -8.84 -17.29 12.88
CA ASP A 415 -9.16 -18.72 12.84
C ASP A 415 -8.31 -19.54 11.85
N ALA A 416 -8.05 -18.99 10.67
CA ALA A 416 -7.21 -19.68 9.68
C ALA A 416 -5.75 -19.64 10.08
N CYS A 417 -5.27 -18.47 10.52
CA CYS A 417 -3.86 -18.30 10.90
C CYS A 417 -3.55 -18.91 12.27
N GLY A 418 -4.59 -19.28 13.02
CA GLY A 418 -4.45 -19.79 14.39
C GLY A 418 -3.73 -18.82 15.31
N ILE A 419 -3.98 -17.53 15.12
CA ILE A 419 -3.23 -16.45 15.76
C ILE A 419 -4.16 -15.36 16.28
N ARG A 420 -3.77 -14.71 17.38
CA ARG A 420 -4.53 -13.57 17.89
C ARG A 420 -4.46 -12.38 16.94
N VAL A 421 -5.63 -11.85 16.60
CA VAL A 421 -5.73 -10.69 15.73
C VAL A 421 -6.11 -9.43 16.52
N ILE A 422 -5.33 -8.37 16.33
CA ILE A 422 -5.63 -7.05 16.86
C ILE A 422 -5.96 -6.12 15.69
N ALA A 423 -7.22 -5.70 15.61
CA ALA A 423 -7.69 -4.84 14.52
C ALA A 423 -7.63 -3.38 14.94
N GLY A 424 -6.92 -2.57 14.15
CA GLY A 424 -6.86 -1.12 14.35
C GLY A 424 -5.45 -0.57 14.39
N PRO A 425 -5.28 0.73 14.09
CA PRO A 425 -6.29 1.72 13.67
C PRO A 425 -6.77 1.58 12.23
N VAL A 426 -7.96 2.11 11.97
CA VAL A 426 -8.55 2.09 10.64
C VAL A 426 -7.72 2.90 9.65
N GLU A 427 -7.40 4.14 10.01
CA GLU A 427 -6.68 5.05 9.13
C GLU A 427 -5.18 5.04 9.46
N ALA A 428 -4.57 3.87 9.36
CA ALA A 428 -3.15 3.66 9.68
C ALA A 428 -2.19 4.51 8.82
N SER A 429 -2.47 4.58 7.52
CA SER A 429 -1.60 5.34 6.61
C SER A 429 -1.60 6.82 6.96
N THR A 430 -2.79 7.34 7.26
CA THR A 430 -2.92 8.72 7.70
C THR A 430 -2.10 8.93 8.96
N LEU A 431 -2.26 8.05 9.93
CA LEU A 431 -1.59 8.18 11.22
C LEU A 431 -0.07 8.14 11.10
N GLY A 432 0.46 7.18 10.33
CA GLY A 432 1.90 7.07 10.08
C GLY A 432 2.47 8.28 9.36
N ASN A 433 1.66 8.85 8.46
CA ASN A 433 1.97 10.10 7.78
C ASN A 433 2.12 11.22 8.82
N ILE A 434 1.12 11.36 9.69
CA ILE A 434 1.18 12.30 10.81
C ILE A 434 2.38 12.02 11.73
N GLY A 435 2.65 10.74 11.97
CA GLY A 435 3.74 10.33 12.87
C GLY A 435 5.11 10.85 12.49
N ILE A 436 5.43 10.80 11.20
CA ILE A 436 6.71 11.29 10.69
C ILE A 436 6.82 12.81 10.81
N GLN A 437 5.74 13.51 10.44
CA GLN A 437 5.69 14.96 10.57
C GLN A 437 6.07 15.40 12.00
N LEU A 438 5.49 14.71 12.99
CA LEU A 438 5.71 15.00 14.42
C LEU A 438 7.16 14.83 14.87
N MET A 439 7.85 13.83 14.29
CA MET A 439 9.27 13.63 14.55
C MET A 439 10.12 14.75 13.95
N THR A 440 9.71 15.23 12.78
CA THR A 440 10.37 16.35 12.11
C THR A 440 10.16 17.65 12.90
N LEU A 441 9.03 17.71 13.60
CA LEU A 441 8.70 18.85 14.45
C LEU A 441 9.29 18.73 15.85
N ASP A 442 9.97 17.61 16.11
CA ASP A 442 10.58 17.30 17.41
C ASP A 442 9.54 17.11 18.52
N GLU A 443 8.34 16.71 18.11
CA GLU A 443 7.26 16.39 19.05
C GLU A 443 7.31 14.91 19.41
N LEU A 444 8.11 14.16 18.68
CA LEU A 444 8.12 12.71 18.79
C LEU A 444 9.52 12.19 18.49
N ASN A 445 9.97 11.21 19.28
CA ASN A 445 11.37 10.77 19.24
C ASN A 445 11.69 9.71 18.21
N ASN A 446 10.79 8.74 18.04
CA ASN A 446 10.95 7.67 17.07
C ASN A 446 9.63 6.94 16.78
N VAL A 447 9.69 5.85 16.02
CA VAL A 447 8.51 5.07 15.63
C VAL A 447 7.94 4.28 16.80
N ASP A 448 8.81 3.74 17.66
CA ASP A 448 8.37 3.02 18.86
C ASP A 448 7.60 3.95 19.81
N ASP A 449 8.10 5.17 19.97
CA ASP A 449 7.42 6.27 20.67
C ASP A 449 6.00 6.45 20.12
N PHE A 450 5.90 6.59 18.81
CA PHE A 450 4.61 6.79 18.13
C PHE A 450 3.61 5.64 18.31
N ARG A 451 4.10 4.41 18.19
CA ARG A 451 3.26 3.22 18.30
C ARG A 451 2.66 3.04 19.69
N GLN A 452 3.32 3.60 20.70
CA GLN A 452 2.78 3.61 22.06
C GLN A 452 1.62 4.60 22.19
N VAL A 453 1.74 5.75 21.53
CA VAL A 453 0.66 6.73 21.45
C VAL A 453 -0.55 6.09 20.80
N VAL A 454 -0.35 5.47 19.64
CA VAL A 454 -1.40 4.79 18.88
C VAL A 454 -2.10 3.71 19.73
N SER A 455 -1.31 2.87 20.40
CA SER A 455 -1.84 1.73 21.14
C SER A 455 -2.61 2.13 22.42
N THR A 456 -2.47 3.38 22.82
CA THR A 456 -3.23 3.91 23.96
C THR A 456 -4.21 5.02 23.53
N THR A 457 -4.28 5.26 22.23
CA THR A 457 -5.18 6.25 21.65
C THR A 457 -6.27 5.57 20.81
N ALA A 458 -5.84 4.78 19.83
CA ALA A 458 -6.73 4.14 18.87
C ALA A 458 -7.67 3.10 19.49
N ASN A 459 -8.80 2.88 18.81
CA ASN A 459 -9.68 1.76 19.13
C ASN A 459 -9.09 0.48 18.59
N LEU A 460 -8.81 -0.47 19.50
CA LEU A 460 -8.22 -1.74 19.10
C LEU A 460 -9.16 -2.86 19.50
N THR A 461 -9.54 -3.68 18.52
CA THR A 461 -10.45 -4.79 18.76
C THR A 461 -9.67 -6.11 18.64
N THR A 462 -9.81 -6.95 19.66
CA THR A 462 -9.11 -8.21 19.70
C THR A 462 -9.98 -9.36 19.19
N PHE A 463 -9.42 -10.14 18.27
CA PHE A 463 -10.06 -11.35 17.77
C PHE A 463 -9.24 -12.58 18.17
N THR A 464 -9.86 -13.44 18.96
CA THR A 464 -9.23 -14.65 19.48
C THR A 464 -9.43 -15.80 18.47
N PRO A 465 -8.33 -16.50 18.13
CA PRO A 465 -8.45 -17.60 17.17
C PRO A 465 -9.27 -18.77 17.73
N ASN A 466 -10.25 -19.19 16.95
CA ASN A 466 -11.19 -20.23 17.33
C ASN A 466 -10.80 -21.56 16.70
N PRO A 467 -10.36 -22.53 17.53
CA PRO A 467 -9.86 -23.81 17.01
C PRO A 467 -10.96 -24.69 16.42
N ASP A 468 -12.18 -24.53 16.92
CA ASP A 468 -13.33 -25.32 16.47
C ASP A 468 -14.16 -24.58 15.42
N SER A 469 -13.50 -23.69 14.69
CA SER A 469 -14.11 -22.91 13.63
C SER A 469 -14.12 -23.71 12.32
N GLU A 470 -15.02 -23.35 11.41
CA GLU A 470 -15.10 -23.99 10.09
C GLU A 470 -13.81 -23.90 9.28
N ILE A 471 -13.23 -22.70 9.21
CA ILE A 471 -11.99 -22.46 8.46
C ILE A 471 -10.78 -23.06 9.20
N ALA A 472 -10.86 -23.12 10.53
CA ALA A 472 -9.84 -23.78 11.33
C ALA A 472 -9.86 -25.29 11.09
N HIS A 473 -11.07 -25.87 11.07
CA HIS A 473 -11.29 -27.28 10.73
C HIS A 473 -10.68 -27.59 9.36
N TYR A 474 -10.94 -26.69 8.41
CA TYR A 474 -10.47 -26.79 7.02
C TYR A 474 -8.94 -26.77 6.95
N VAL A 475 -8.33 -25.82 7.67
CA VAL A 475 -6.87 -25.61 7.63
C VAL A 475 -6.09 -26.76 8.28
N ALA A 476 -6.63 -27.34 9.34
CA ALA A 476 -6.03 -28.50 10.00
C ALA A 476 -6.10 -29.73 9.10
N LEU A 477 -7.18 -29.81 8.31
CA LEU A 477 -7.40 -30.90 7.36
C LEU A 477 -6.36 -30.89 6.24
N ILE A 478 -5.96 -29.70 5.79
CA ILE A 478 -5.01 -29.58 4.67
C ILE A 478 -3.56 -29.84 5.08
N HIS A 479 -3.33 -30.13 6.36
CA HIS A 479 -2.00 -30.46 6.87
C HIS A 479 -1.62 -31.92 6.61
N SER A 480 -2.58 -32.82 6.74
CA SER A 480 -2.36 -34.25 6.44
C SER A 480 -3.49 -34.83 5.56
C1 LFR B . -1.11 -0.48 -1.31
C2 LFR B . 0.03 -0.48 -2.33
C3 LFR B . 0.90 -1.74 -2.21
C4 LFR B . 1.57 -1.71 -3.58
C5 LFR B . 0.32 -1.48 -4.45
C6 LFR B . 0.58 -0.91 -5.86
O1 LFR B . -2.07 0.53 -1.64
O2 LFR B . 0.82 0.69 -2.18
O3 LFR B . 1.86 -1.58 -1.16
O4 LFR B . 2.15 -2.98 -3.89
O5 LFR B . -0.47 -0.50 -3.68
O6 LFR B . 1.44 0.24 -5.80
PB ADP C . -7.23 1.92 0.06
O1B ADP C . -6.60 0.87 -0.82
O2B ADP C . -8.27 2.79 -0.61
O3B ADP C . -6.23 2.75 0.86
PA ADP C . -8.66 1.44 2.52
O1A ADP C . -9.23 2.83 2.48
O2A ADP C . -7.61 1.12 3.57
O3A ADP C . -8.07 1.01 1.08
O5' ADP C . -9.87 0.39 2.69
C5' ADP C . -10.88 0.22 1.69
C4' ADP C . -11.59 -1.10 1.97
O4' ADP C . -12.05 -1.13 3.32
C3' ADP C . -12.83 -1.32 1.12
O3' ADP C . -12.54 -2.09 -0.04
C2' ADP C . -13.76 -2.11 2.02
O2' ADP C . -13.72 -3.50 1.67
C1' ADP C . -13.21 -1.94 3.43
N9 ADP C . -14.23 -1.26 4.25
C8 ADP C . -14.51 0.06 4.24
N7 ADP C . -15.51 0.36 5.12
C5 ADP C . -15.89 -0.79 5.69
C6 ADP C . -16.88 -1.20 6.71
N6 ADP C . -17.69 -0.28 7.29
N1 ADP C . -16.95 -2.50 7.04
C2 ADP C . -16.15 -3.42 6.48
N3 ADP C . -15.23 -3.13 5.55
C4 ADP C . -15.06 -1.85 5.12
#